data_4O8O
#
_entry.id   4O8O
#
_cell.length_a   60.050
_cell.length_b   65.739
_cell.length_c   85.203
_cell.angle_alpha   90.00
_cell.angle_beta   90.00
_cell.angle_gamma   90.00
#
_symmetry.space_group_name_H-M   'P 21 21 21'
#
loop_
_entity.id
_entity.type
_entity.pdbx_description
1 polymer Alpha-L-arabinofuranosidase
2 non-polymer 'CALCIUM ION'
3 non-polymer alpha-L-arabinofuranose
4 water water
#
_entity_poly.entity_id   1
_entity_poly.type   'polypeptide(L)'
_entity_poly.pdbx_seq_one_letter_code
;MGSSHHHHHHSSGRENLYFQGMSFHRSLPFRPKRLFGVLAPLLLAGVMSTQPAGAATVVPSDDVQGTGRQSQLTDGFGTR
ASCELPSTYRWTSTGALAQPRSGWVSLKDFTVVPYNGQHLVYATTHDTGTRWGSMNFEPFGDWSQMATARQNAMNSPTVA
PTLFYFAPKDIWVLAYQWGGSAFSYRTSHDPTDPNGWSSEQVLFSGSIADSATGPIDQTLIGDDTHMYLFFAGDNGKIYR
ASMPIGDFPGSFGSTATVVMSDTRNNLFEAPQVYKLQGQNRYLMIVEAIGAQGQRYFRSFTATSLDGEWTPQATSESNPF
AGKANSGATWTDDISHGELIRTTADQTMTVDPCNLQLLYQGRDPGSGGTYDLLPYRPGLLTLQR
;
_entity_poly.pdbx_strand_id   A
#
loop_
_chem_comp.id
_chem_comp.type
_chem_comp.name
_chem_comp.formula
AHR L-saccharide, alpha linking alpha-L-arabinofuranose 'C5 H10 O5'
CA non-polymer 'CALCIUM ION' 'Ca 2'
#
# COMPACT_ATOMS: atom_id res chain seq x y z
N SER A 82 17.46 16.39 4.58
CA SER A 82 16.58 15.44 5.26
C SER A 82 17.32 14.50 6.20
N CYS A 83 16.63 13.44 6.59
CA CYS A 83 17.11 12.50 7.59
C CYS A 83 17.33 11.12 6.99
N GLU A 84 18.57 10.66 6.96
CA GLU A 84 18.86 9.36 6.35
C GLU A 84 18.04 8.24 6.97
N LEU A 85 17.63 7.28 6.15
CA LEU A 85 16.95 6.12 6.69
C LEU A 85 17.85 5.42 7.68
N PRO A 86 17.29 5.00 8.80
CA PRO A 86 18.10 4.27 9.78
C PRO A 86 18.41 2.84 9.31
N SER A 87 19.53 2.27 9.75
CA SER A 87 19.81 0.89 9.40
CA SER A 87 19.86 0.89 9.45
C SER A 87 19.04 -0.03 10.34
N THR A 88 18.68 0.46 11.54
CA THR A 88 17.81 -0.27 12.46
C THR A 88 16.64 0.63 12.79
N TYR A 89 15.45 0.17 12.44
CA TYR A 89 14.24 0.94 12.70
C TYR A 89 13.71 0.67 14.09
N ARG A 90 13.22 1.70 14.74
CA ARG A 90 12.53 1.60 16.03
C ARG A 90 11.24 2.40 15.97
N TRP A 91 10.09 1.77 16.23
CA TRP A 91 8.81 2.48 16.14
C TRP A 91 8.11 2.50 17.49
N THR A 92 7.16 3.41 17.66
CA THR A 92 6.09 3.19 18.63
C THR A 92 4.81 3.01 17.81
N SER A 93 3.80 2.39 18.45
CA SER A 93 2.57 2.03 17.76
C SER A 93 1.35 2.50 18.53
N THR A 94 0.28 2.74 17.78
CA THR A 94 -1.05 2.74 18.37
C THR A 94 -1.60 1.30 18.51
N GLY A 95 -2.70 1.17 19.22
CA GLY A 95 -3.55 -0.03 19.07
C GLY A 95 -4.40 0.10 17.81
N ALA A 96 -5.39 -0.78 17.68
CA ALA A 96 -6.33 -0.69 16.59
C ALA A 96 -7.02 0.68 16.60
N LEU A 97 -7.09 1.30 15.46
CA LEU A 97 -7.62 2.66 15.33
C LEU A 97 -9.08 2.70 14.90
N ALA A 98 -9.63 1.57 14.48
CA ALA A 98 -11.05 1.50 14.11
C ALA A 98 -11.45 0.05 14.10
N GLN A 99 -12.74 -0.17 14.34
CA GLN A 99 -13.35 -1.49 14.18
C GLN A 99 -14.21 -1.45 12.92
N PRO A 100 -14.28 -2.57 12.18
CA PRO A 100 -15.13 -2.56 10.99
C PRO A 100 -16.61 -2.34 11.29
N ARG A 101 -17.27 -1.54 10.45
CA ARG A 101 -18.73 -1.35 10.49
C ARG A 101 -19.41 -2.72 10.50
N SER A 102 -20.49 -2.85 11.28
CA SER A 102 -21.25 -4.10 11.35
CA SER A 102 -21.23 -4.10 11.35
C SER A 102 -21.48 -4.68 9.96
N GLY A 103 -21.23 -5.97 9.83
CA GLY A 103 -21.34 -6.66 8.54
C GLY A 103 -19.99 -6.96 7.93
N TRP A 104 -18.93 -6.26 8.34
CA TRP A 104 -17.59 -6.57 7.86
C TRP A 104 -16.77 -7.20 8.96
N VAL A 105 -15.94 -8.19 8.61
CA VAL A 105 -15.05 -8.79 9.59
C VAL A 105 -13.68 -8.10 9.63
N SER A 106 -13.36 -7.31 8.61
CA SER A 106 -12.03 -6.73 8.50
C SER A 106 -12.04 -5.47 7.67
N LEU A 107 -11.02 -4.68 7.92
CA LEU A 107 -10.59 -3.53 7.11
C LEU A 107 -9.12 -3.76 6.77
N LYS A 108 -8.73 -3.59 5.49
CA LYS A 108 -7.44 -4.08 5.03
C LYS A 108 -6.82 -3.18 3.96
N ASP A 109 -5.52 -3.37 3.76
CA ASP A 109 -4.85 -2.92 2.52
C ASP A 109 -4.95 -1.41 2.34
N PHE A 110 -4.78 -0.65 3.43
CA PHE A 110 -5.10 0.78 3.43
C PHE A 110 -4.33 1.60 2.42
N THR A 111 -5.02 2.57 1.80
CA THR A 111 -4.36 3.63 1.06
C THR A 111 -4.80 4.95 1.67
N VAL A 112 -3.89 5.91 1.79
CA VAL A 112 -4.20 7.13 2.53
C VAL A 112 -3.52 8.31 1.91
N VAL A 113 -4.28 9.39 1.73
CA VAL A 113 -3.76 10.64 1.21
C VAL A 113 -4.09 11.80 2.13
N PRO A 114 -3.33 12.88 2.05
CA PRO A 114 -3.76 14.12 2.69
C PRO A 114 -4.82 14.77 1.80
N TYR A 115 -5.90 15.29 2.37
CA TYR A 115 -6.96 15.93 1.62
C TYR A 115 -7.53 17.06 2.45
N ASN A 116 -7.32 18.30 1.99
CA ASN A 116 -7.78 19.47 2.72
C ASN A 116 -7.49 19.43 4.21
N GLY A 117 -6.24 19.11 4.54
CA GLY A 117 -5.76 19.10 5.92
C GLY A 117 -6.23 17.93 6.76
N GLN A 118 -6.85 16.94 6.13
CA GLN A 118 -7.33 15.76 6.82
C GLN A 118 -6.75 14.51 6.18
N HIS A 119 -7.04 13.36 6.76
CA HIS A 119 -6.66 12.07 6.20
C HIS A 119 -7.84 11.47 5.44
N LEU A 120 -7.62 11.04 4.20
CA LEU A 120 -8.63 10.35 3.40
C LEU A 120 -8.13 8.94 3.11
N VAL A 121 -8.86 7.94 3.64
CA VAL A 121 -8.43 6.56 3.63
C VAL A 121 -9.44 5.71 2.88
N TYR A 122 -8.94 4.86 1.98
CA TYR A 122 -9.72 3.76 1.37
C TYR A 122 -9.16 2.45 1.84
N ALA A 123 -9.99 1.40 1.83
CA ALA A 123 -9.59 0.10 2.34
C ALA A 123 -10.38 -1.01 1.66
N THR A 124 -9.80 -2.20 1.63
CA THR A 124 -10.50 -3.45 1.34
C THR A 124 -11.40 -3.84 2.51
N THR A 125 -12.56 -4.41 2.23
CA THR A 125 -13.40 -5.01 3.23
C THR A 125 -13.57 -6.50 2.96
N HIS A 126 -13.94 -7.24 3.99
CA HIS A 126 -14.48 -8.59 3.79
C HIS A 126 -15.68 -8.75 4.70
N ASP A 127 -16.72 -9.44 4.24
CA ASP A 127 -17.90 -9.61 5.07
C ASP A 127 -17.78 -10.91 5.88
N THR A 128 -18.88 -11.39 6.45
CA THR A 128 -18.81 -12.57 7.29
C THR A 128 -18.90 -13.90 6.53
N GLY A 129 -19.05 -13.81 5.21
CA GLY A 129 -19.13 -14.98 4.36
C GLY A 129 -17.96 -15.07 3.42
N THR A 130 -18.18 -14.71 2.14
CA THR A 130 -17.16 -14.88 1.11
C THR A 130 -16.98 -13.65 0.23
N ARG A 131 -17.48 -12.49 0.66
CA ARG A 131 -17.47 -11.33 -0.21
C ARG A 131 -16.38 -10.31 0.14
N TRP A 132 -15.50 -10.05 -0.82
CA TRP A 132 -14.56 -8.94 -0.76
C TRP A 132 -15.24 -7.67 -1.26
N GLY A 133 -14.86 -6.55 -0.69
CA GLY A 133 -15.40 -5.26 -1.13
C GLY A 133 -14.38 -4.18 -0.85
N SER A 134 -14.85 -2.94 -0.91
CA SER A 134 -14.03 -1.80 -0.58
C SER A 134 -14.87 -0.71 0.05
N MET A 135 -14.19 0.25 0.66
CA MET A 135 -14.83 1.33 1.42
C MET A 135 -13.91 2.54 1.47
N ASN A 136 -14.47 3.70 1.81
CA ASN A 136 -13.61 4.75 2.34
C ASN A 136 -14.16 5.19 3.69
N PHE A 137 -13.35 5.95 4.41
CA PHE A 137 -13.78 6.66 5.62
C PHE A 137 -14.08 8.10 5.25
N GLU A 138 -15.05 8.73 5.90
CA GLU A 138 -15.12 10.18 5.83
C GLU A 138 -13.76 10.79 6.20
N PRO A 139 -13.35 11.89 5.58
CA PRO A 139 -12.07 12.49 6.01
C PRO A 139 -12.07 12.81 7.51
N PHE A 140 -10.92 12.64 8.13
CA PHE A 140 -10.82 12.90 9.56
C PHE A 140 -9.50 13.59 9.87
N GLY A 141 -9.50 14.41 10.90
CA GLY A 141 -8.39 15.30 11.19
C GLY A 141 -7.25 14.62 11.91
N ASP A 142 -7.58 13.92 12.97
CA ASP A 142 -6.52 13.33 13.80
C ASP A 142 -6.81 11.85 13.93
N TRP A 143 -5.81 11.07 14.33
CA TRP A 143 -5.94 9.62 14.32
C TRP A 143 -6.93 9.13 15.37
N SER A 144 -7.25 9.89 16.40
CA SER A 144 -8.29 9.47 17.32
C SER A 144 -9.69 9.50 16.67
N GLN A 145 -9.82 10.22 15.55
CA GLN A 145 -11.12 10.36 14.88
C GLN A 145 -11.36 9.29 13.86
N MET A 146 -10.38 8.45 13.58
CA MET A 146 -10.62 7.37 12.66
C MET A 146 -11.68 6.43 13.21
N ALA A 147 -11.72 6.23 14.52
CA ALA A 147 -12.63 5.27 15.11
C ALA A 147 -14.10 5.66 14.96
N THR A 148 -14.36 6.96 14.82
CA THR A 148 -15.73 7.43 14.69
C THR A 148 -16.07 7.93 13.28
N ALA A 149 -15.11 8.02 12.38
CA ALA A 149 -15.38 8.47 11.01
C ALA A 149 -16.38 7.51 10.33
N ARG A 150 -17.38 8.04 9.64
CA ARG A 150 -18.34 7.15 8.99
C ARG A 150 -17.63 6.28 7.96
N GLN A 151 -17.97 5.01 7.93
CA GLN A 151 -17.41 4.02 7.01
C GLN A 151 -18.39 3.84 5.86
N ASN A 152 -17.92 4.16 4.66
CA ASN A 152 -18.75 4.25 3.46
C ASN A 152 -18.48 3.08 2.51
N ALA A 153 -19.39 2.12 2.40
CA ALA A 153 -19.22 1.06 1.43
C ALA A 153 -19.17 1.61 0.03
N MET A 154 -18.30 1.07 -0.80
CA MET A 154 -18.31 1.38 -2.24
C MET A 154 -19.27 0.46 -2.96
N ASN A 155 -20.09 1.03 -3.87
CA ASN A 155 -21.00 0.22 -4.65
C ASN A 155 -20.30 -0.49 -5.82
N SER A 156 -19.01 -0.31 -5.97
CA SER A 156 -18.17 -0.93 -7.00
C SER A 156 -16.88 -1.38 -6.32
N PRO A 157 -16.64 -2.69 -6.16
CA PRO A 157 -15.48 -3.12 -5.36
C PRO A 157 -14.15 -2.83 -6.00
N THR A 158 -13.27 -2.23 -5.22
CA THR A 158 -11.94 -1.88 -5.68
C THR A 158 -10.90 -2.41 -4.66
N VAL A 159 -10.64 -3.71 -4.74
CA VAL A 159 -9.85 -4.38 -3.73
C VAL A 159 -8.37 -3.99 -3.85
N ALA A 160 -7.74 -3.81 -2.68
CA ALA A 160 -6.34 -3.44 -2.52
C ALA A 160 -6.04 -2.14 -3.30
N PRO A 161 -6.76 -1.07 -2.95
CA PRO A 161 -6.72 0.16 -3.75
C PRO A 161 -5.47 0.98 -3.57
N THR A 162 -5.17 1.80 -4.58
CA THR A 162 -4.18 2.85 -4.46
C THR A 162 -4.81 4.14 -4.90
N LEU A 163 -4.84 5.14 -4.01
CA LEU A 163 -5.46 6.43 -4.27
C LEU A 163 -4.39 7.50 -4.47
N PHE A 164 -4.53 8.33 -5.51
CA PHE A 164 -3.64 9.50 -5.65
C PHE A 164 -4.28 10.50 -6.59
N TYR A 165 -3.77 11.72 -6.51
CA TYR A 165 -4.14 12.82 -7.37
C TYR A 165 -3.15 12.87 -8.53
N PHE A 166 -3.63 12.79 -9.77
CA PHE A 166 -2.74 12.87 -10.91
C PHE A 166 -2.71 14.31 -11.40
N ALA A 167 -1.69 15.03 -10.94
CA ALA A 167 -1.64 16.47 -11.14
C ALA A 167 -1.63 16.91 -12.59
N PRO A 168 -0.88 16.23 -13.50
CA PRO A 168 -0.83 16.75 -14.87
C PRO A 168 -2.19 16.83 -15.59
N LYS A 169 -3.19 16.07 -15.16
CA LYS A 169 -4.51 16.15 -15.78
C LYS A 169 -5.59 16.52 -14.75
N ASP A 170 -5.18 16.99 -13.57
CA ASP A 170 -6.11 17.47 -12.52
C ASP A 170 -7.23 16.46 -12.29
N ILE A 171 -6.87 15.22 -12.00
CA ILE A 171 -7.85 14.14 -11.88
CA ILE A 171 -7.89 14.20 -11.80
C ILE A 171 -7.37 13.17 -10.80
N TRP A 172 -8.29 12.68 -9.96
CA TRP A 172 -7.96 11.64 -9.01
C TRP A 172 -8.08 10.27 -9.64
N VAL A 173 -7.21 9.37 -9.18
CA VAL A 173 -7.13 8.00 -9.68
C VAL A 173 -7.20 7.01 -8.54
N LEU A 174 -8.02 5.97 -8.74
CA LEU A 174 -8.14 4.86 -7.79
C LEU A 174 -7.82 3.60 -8.57
N ALA A 175 -6.66 3.01 -8.29
CA ALA A 175 -6.21 1.78 -8.96
C ALA A 175 -6.55 0.59 -8.04
N TYR A 176 -6.76 -0.60 -8.61
CA TYR A 176 -7.17 -1.75 -7.82
C TYR A 176 -7.05 -3.02 -8.62
N GLN A 177 -7.40 -4.14 -8.00
CA GLN A 177 -7.32 -5.44 -8.63
C GLN A 177 -8.68 -6.14 -8.60
N TRP A 178 -8.71 -7.30 -9.26
CA TRP A 178 -9.84 -8.23 -9.30
C TRP A 178 -11.06 -7.64 -10.02
N GLY A 179 -10.79 -6.68 -10.93
CA GLY A 179 -11.75 -6.25 -11.92
C GLY A 179 -11.59 -7.06 -13.21
N GLY A 180 -11.87 -6.43 -14.34
CA GLY A 180 -11.91 -7.13 -15.61
C GLY A 180 -10.60 -7.53 -16.22
N SER A 181 -9.51 -6.97 -15.74
CA SER A 181 -8.16 -7.37 -16.15
C SER A 181 -7.27 -7.44 -14.90
N ALA A 182 -5.98 -7.69 -15.08
CA ALA A 182 -5.07 -7.85 -13.94
C ALA A 182 -5.15 -6.69 -12.98
N PHE A 183 -5.03 -5.46 -13.48
CA PHE A 183 -5.30 -4.29 -12.67
C PHE A 183 -6.20 -3.33 -13.44
N SER A 184 -6.94 -2.54 -12.67
CA SER A 184 -7.92 -1.60 -13.19
C SER A 184 -7.68 -0.25 -12.56
N TYR A 185 -8.29 0.78 -13.12
CA TYR A 185 -8.39 2.06 -12.41
C TYR A 185 -9.71 2.73 -12.76
N ARG A 186 -10.09 3.67 -11.90
CA ARG A 186 -11.18 4.61 -12.16
C ARG A 186 -10.70 6.02 -11.83
N THR A 187 -11.43 7.02 -12.30
CA THR A 187 -11.09 8.41 -12.04
C THR A 187 -12.25 9.16 -11.38
N SER A 188 -11.93 10.29 -10.75
CA SER A 188 -12.92 11.13 -10.10
C SER A 188 -12.41 12.52 -9.88
N HIS A 189 -13.32 13.46 -9.76
CA HIS A 189 -12.96 14.80 -9.29
C HIS A 189 -13.25 15.01 -7.82
N ASP A 190 -13.82 14.02 -7.14
CA ASP A 190 -14.10 14.13 -5.71
C ASP A 190 -13.82 12.80 -5.05
N PRO A 191 -12.59 12.63 -4.57
CA PRO A 191 -12.21 11.33 -4.01
C PRO A 191 -12.87 11.04 -2.67
N THR A 192 -13.56 11.99 -2.05
CA THR A 192 -14.26 11.64 -0.82
C THR A 192 -15.52 10.82 -1.10
N ASP A 193 -16.03 10.86 -2.33
CA ASP A 193 -17.27 10.16 -2.68
C ASP A 193 -16.99 8.71 -3.01
N PRO A 194 -17.45 7.75 -2.18
CA PRO A 194 -17.15 6.34 -2.45
C PRO A 194 -17.75 5.84 -3.76
N ASN A 195 -18.81 6.51 -4.22
CA ASN A 195 -19.57 6.05 -5.38
C ASN A 195 -19.46 6.99 -6.58
N GLY A 196 -18.49 7.89 -6.55
CA GLY A 196 -18.32 8.89 -7.60
C GLY A 196 -17.31 8.54 -8.67
N TRP A 197 -16.77 7.31 -8.66
CA TRP A 197 -15.69 6.94 -9.56
C TRP A 197 -16.22 6.56 -10.94
N SER A 198 -15.43 6.85 -11.98
CA SER A 198 -15.78 6.54 -13.34
C SER A 198 -15.97 5.04 -13.58
N SER A 199 -16.42 4.71 -14.79
CA SER A 199 -16.42 3.32 -15.21
C SER A 199 -15.01 2.76 -15.17
N GLU A 200 -14.91 1.46 -15.01
CA GLU A 200 -13.64 0.75 -14.93
C GLU A 200 -12.80 0.87 -16.20
N GLN A 201 -11.53 1.19 -16.01
CA GLN A 201 -10.56 1.28 -17.10
C GLN A 201 -9.44 0.27 -16.86
N VAL A 202 -8.87 -0.25 -17.94
CA VAL A 202 -7.73 -1.17 -17.82
C VAL A 202 -6.46 -0.45 -17.40
N LEU A 203 -5.82 -0.95 -16.34
CA LEU A 203 -4.51 -0.44 -15.90
C LEU A 203 -3.38 -1.37 -16.34
N PHE A 204 -3.63 -2.67 -16.37
CA PHE A 204 -2.60 -3.65 -16.76
C PHE A 204 -3.34 -4.88 -17.22
N SER A 205 -2.87 -5.49 -18.29
CA SER A 205 -3.53 -6.67 -18.83
C SER A 205 -2.60 -7.86 -19.03
N GLY A 206 -1.50 -7.89 -18.27
CA GLY A 206 -0.51 -8.94 -18.38
C GLY A 206 -0.74 -10.10 -17.43
N SER A 207 -0.03 -11.18 -17.69
CA SER A 207 -0.06 -12.32 -16.80
C SER A 207 1.37 -12.58 -16.33
N ILE A 208 1.52 -13.37 -15.28
CA ILE A 208 2.87 -13.70 -14.82
C ILE A 208 2.99 -15.19 -14.62
N ALA A 209 4.21 -15.68 -14.80
CA ALA A 209 4.50 -17.09 -14.63
C ALA A 209 4.66 -17.43 -13.15
N ASP A 210 4.30 -18.65 -12.80
CA ASP A 210 4.57 -19.16 -11.52
C ASP A 210 3.88 -18.38 -10.38
N SER A 211 2.58 -18.20 -10.50
CA SER A 211 1.85 -17.45 -9.47
C SER A 211 0.45 -18.02 -9.32
N ALA A 212 0.06 -18.31 -8.08
CA ALA A 212 -1.29 -18.80 -7.79
C ALA A 212 -2.32 -17.69 -7.88
N THR A 213 -1.88 -16.45 -7.65
CA THR A 213 -2.79 -15.32 -7.56
C THR A 213 -2.85 -14.53 -8.85
N GLY A 214 -1.80 -14.62 -9.66
CA GLY A 214 -1.62 -13.62 -10.70
C GLY A 214 -1.10 -12.32 -10.09
N PRO A 215 -0.98 -11.27 -10.89
CA PRO A 215 -0.55 -9.97 -10.37
C PRO A 215 -1.41 -9.52 -9.19
N ILE A 216 -0.78 -8.98 -8.16
CA ILE A 216 -1.52 -8.57 -6.99
C ILE A 216 -0.87 -7.33 -6.38
N ASP A 217 -1.67 -6.50 -5.70
CA ASP A 217 -1.18 -5.40 -4.86
C ASP A 217 -0.36 -4.39 -5.65
N GLN A 218 -1.01 -3.76 -6.64
CA GLN A 218 -0.30 -2.72 -7.39
C GLN A 218 0.01 -1.50 -6.52
N THR A 219 1.03 -0.78 -6.96
CA THR A 219 1.25 0.55 -6.50
C THR A 219 1.77 1.36 -7.69
N LEU A 220 1.55 2.67 -7.66
CA LEU A 220 1.90 3.56 -8.76
CA LEU A 220 1.91 3.56 -8.77
C LEU A 220 2.72 4.72 -8.25
N ILE A 221 3.63 5.23 -9.08
CA ILE A 221 4.42 6.39 -8.71
C ILE A 221 4.95 7.02 -10.00
N GLY A 222 5.02 8.34 -10.04
CA GLY A 222 5.58 9.03 -11.18
C GLY A 222 6.75 9.91 -10.77
N ASP A 223 7.66 10.12 -11.73
CA ASP A 223 8.70 11.14 -11.60
C ASP A 223 8.41 12.23 -12.65
N ASP A 224 9.40 13.02 -13.04
CA ASP A 224 9.18 14.14 -13.94
C ASP A 224 8.76 13.71 -15.36
N THR A 225 9.11 12.47 -15.73
CA THR A 225 8.91 12.01 -17.11
C THR A 225 8.11 10.71 -17.32
N HIS A 226 8.02 9.86 -16.32
CA HIS A 226 7.32 8.57 -16.46
C HIS A 226 6.42 8.26 -15.29
N MET A 227 5.36 7.48 -15.55
CA MET A 227 4.62 6.77 -14.52
C MET A 227 5.09 5.34 -14.48
N TYR A 228 5.09 4.78 -13.27
CA TYR A 228 5.54 3.43 -12.99
C TYR A 228 4.47 2.68 -12.24
N LEU A 229 4.36 1.41 -12.58
CA LEU A 229 3.51 0.42 -11.93
C LEU A 229 4.42 -0.65 -11.32
N PHE A 230 4.30 -0.89 -10.02
CA PHE A 230 5.00 -2.00 -9.38
C PHE A 230 3.94 -2.94 -8.80
N PHE A 231 4.21 -4.22 -8.80
CA PHE A 231 3.27 -5.18 -8.23
C PHE A 231 3.98 -6.46 -7.84
N ALA A 232 3.23 -7.35 -7.17
CA ALA A 232 3.76 -8.61 -6.66
C ALA A 232 2.97 -9.77 -7.27
N GLY A 233 3.32 -11.01 -6.88
CA GLY A 233 2.63 -12.16 -7.40
C GLY A 233 2.47 -13.27 -6.38
N ASP A 234 2.63 -12.95 -5.08
CA ASP A 234 2.64 -13.99 -4.05
C ASP A 234 3.63 -15.11 -4.40
N ASN A 235 4.76 -14.73 -5.01
CA ASN A 235 5.65 -15.71 -5.60
C ASN A 235 7.13 -15.36 -5.51
N GLY A 236 7.49 -14.37 -4.71
CA GLY A 236 8.88 -14.03 -4.52
C GLY A 236 9.43 -13.04 -5.50
N LYS A 237 8.58 -12.53 -6.39
CA LYS A 237 9.03 -11.55 -7.39
C LYS A 237 8.32 -10.23 -7.25
N ILE A 238 9.02 -9.16 -7.60
CA ILE A 238 8.43 -7.85 -7.73
C ILE A 238 8.63 -7.41 -9.17
N TYR A 239 7.58 -6.85 -9.74
CA TYR A 239 7.47 -6.54 -11.16
C TYR A 239 7.31 -5.04 -11.37
N ARG A 240 7.75 -4.52 -12.53
CA ARG A 240 7.67 -3.10 -12.85
C ARG A 240 7.25 -2.92 -14.30
N ALA A 241 6.35 -1.98 -14.54
CA ALA A 241 6.04 -1.49 -15.88
C ALA A 241 6.11 0.03 -15.85
N SER A 242 6.24 0.64 -17.01
CA SER A 242 6.32 2.10 -17.08
C SER A 242 5.71 2.64 -18.35
N MET A 243 5.37 3.92 -18.31
CA MET A 243 4.88 4.62 -19.50
C MET A 243 5.26 6.09 -19.40
N PRO A 244 5.34 6.79 -20.53
CA PRO A 244 5.54 8.25 -20.49
C PRO A 244 4.42 8.89 -19.70
N ILE A 245 4.76 9.87 -18.88
CA ILE A 245 3.74 10.44 -18.00
C ILE A 245 2.60 11.10 -18.79
N GLY A 246 2.88 11.60 -19.99
CA GLY A 246 1.85 12.18 -20.84
C GLY A 246 0.78 11.19 -21.29
N ASP A 247 1.05 9.88 -21.20
CA ASP A 247 0.09 8.87 -21.64
C ASP A 247 -0.84 8.42 -20.51
N PHE A 248 -0.56 8.87 -19.29
CA PHE A 248 -1.34 8.46 -18.14
C PHE A 248 -2.47 9.48 -17.90
N PRO A 249 -3.64 9.06 -17.38
CA PRO A 249 -4.07 7.69 -17.06
C PRO A 249 -4.32 6.86 -18.31
N GLY A 250 -3.96 5.60 -18.21
CA GLY A 250 -4.16 4.65 -19.28
C GLY A 250 -3.52 3.33 -18.88
N SER A 251 -3.52 2.38 -19.79
CA SER A 251 -2.99 1.07 -19.50
C SER A 251 -1.46 1.00 -19.67
N PHE A 252 -0.81 0.33 -18.72
CA PHE A 252 0.60 0.03 -18.83
C PHE A 252 0.89 -1.11 -19.82
N GLY A 253 -0.16 -1.74 -20.36
CA GLY A 253 0.07 -2.81 -21.32
C GLY A 253 0.05 -4.19 -20.69
N SER A 254 0.74 -5.14 -21.31
CA SER A 254 0.68 -6.51 -20.82
C SER A 254 2.04 -7.08 -20.46
N THR A 255 3.07 -6.27 -20.50
CA THR A 255 4.39 -6.77 -20.15
C THR A 255 4.94 -6.05 -18.94
N ALA A 256 5.77 -6.77 -18.17
CA ALA A 256 6.40 -6.19 -17.00
C ALA A 256 7.77 -6.81 -16.87
N THR A 257 8.61 -6.14 -16.10
CA THR A 257 10.00 -6.54 -15.90
C THR A 257 10.15 -6.98 -14.44
N VAL A 258 10.78 -8.13 -14.21
CA VAL A 258 11.12 -8.51 -12.85
C VAL A 258 12.28 -7.65 -12.35
N VAL A 259 12.10 -6.98 -11.23
CA VAL A 259 13.17 -6.13 -10.70
C VAL A 259 13.82 -6.73 -9.46
N MET A 260 13.16 -7.70 -8.82
CA MET A 260 13.75 -8.41 -7.68
C MET A 260 13.15 -9.79 -7.60
N SER A 261 13.93 -10.75 -7.12
CA SER A 261 13.38 -12.08 -6.88
CA SER A 261 13.45 -12.12 -6.95
C SER A 261 14.06 -12.70 -5.67
N ASP A 262 13.26 -13.47 -4.94
CA ASP A 262 13.70 -14.14 -3.71
C ASP A 262 12.72 -15.28 -3.48
N THR A 263 12.80 -15.91 -2.31
CA THR A 263 11.80 -16.90 -1.95
C THR A 263 10.42 -16.26 -1.85
N ARG A 264 9.39 -17.09 -1.99
CA ARG A 264 8.02 -16.64 -1.89
C ARG A 264 7.81 -15.87 -0.61
N ASN A 265 8.30 -16.40 0.51
CA ASN A 265 8.07 -15.74 1.79
C ASN A 265 8.81 -14.42 1.95
N ASN A 266 9.94 -14.25 1.26
CA ASN A 266 10.75 -13.05 1.40
C ASN A 266 10.31 -11.86 0.58
N LEU A 267 9.63 -12.07 -0.54
CA LEU A 267 9.04 -10.99 -1.33
C LEU A 267 7.62 -11.40 -1.68
N PHE A 268 6.71 -11.24 -0.73
CA PHE A 268 5.43 -11.91 -0.88
C PHE A 268 4.41 -11.00 -1.56
N GLU A 269 4.06 -9.88 -0.96
CA GLU A 269 3.03 -9.04 -1.56
C GLU A 269 3.09 -7.61 -1.00
N ALA A 270 2.06 -6.83 -1.30
CA ALA A 270 1.86 -5.50 -0.75
C ALA A 270 3.05 -4.51 -0.91
N PRO A 271 3.66 -4.45 -2.10
CA PRO A 271 4.73 -3.45 -2.27
C PRO A 271 4.19 -2.03 -2.26
N GLN A 272 4.99 -1.12 -1.74
CA GLN A 272 4.67 0.33 -1.81
C GLN A 272 5.99 1.04 -2.15
N VAL A 273 5.92 2.03 -3.04
CA VAL A 273 7.11 2.74 -3.50
C VAL A 273 6.91 4.25 -3.32
N TYR A 274 7.92 4.92 -2.79
CA TYR A 274 7.84 6.34 -2.44
C TYR A 274 9.11 7.05 -2.84
N LYS A 275 8.99 8.34 -3.13
CA LYS A 275 10.14 9.24 -3.21
C LYS A 275 10.44 9.78 -1.83
N LEU A 276 11.68 9.69 -1.39
CA LEU A 276 12.06 10.27 -0.10
C LEU A 276 12.30 11.78 -0.25
N GLN A 277 11.55 12.57 0.49
CA GLN A 277 11.73 14.02 0.46
C GLN A 277 13.15 14.38 0.84
N GLY A 278 13.74 15.27 0.05
CA GLY A 278 15.03 15.84 0.40
C GLY A 278 16.21 14.95 0.04
N GLN A 279 15.96 13.81 -0.61
CA GLN A 279 17.01 12.83 -0.95
C GLN A 279 16.81 12.39 -2.38
N ASN A 280 17.91 12.09 -3.08
CA ASN A 280 17.79 11.52 -4.42
C ASN A 280 17.65 10.01 -4.29
N ARG A 281 16.51 9.58 -3.74
CA ARG A 281 16.35 8.21 -3.29
CA ARG A 281 16.35 8.19 -3.35
C ARG A 281 14.88 7.86 -3.24
N TYR A 282 14.55 6.63 -3.65
CA TYR A 282 13.22 6.05 -3.54
C TYR A 282 13.28 4.89 -2.57
N LEU A 283 12.19 4.69 -1.86
CA LEU A 283 12.03 3.65 -0.88
C LEU A 283 10.95 2.68 -1.36
N MET A 284 11.24 1.38 -1.34
CA MET A 284 10.23 0.36 -1.55
C MET A 284 10.12 -0.48 -0.29
N ILE A 285 8.89 -0.70 0.18
CA ILE A 285 8.66 -1.67 1.24
C ILE A 285 7.86 -2.82 0.65
N VAL A 286 8.13 -4.03 1.11
CA VAL A 286 7.47 -5.22 0.62
C VAL A 286 7.11 -6.09 1.80
N GLU A 287 5.90 -6.64 1.79
CA GLU A 287 5.49 -7.56 2.84
C GLU A 287 6.08 -8.95 2.65
N ALA A 288 6.53 -9.53 3.76
CA ALA A 288 7.15 -10.82 3.82
C ALA A 288 6.45 -11.67 4.89
N ILE A 289 6.63 -12.98 4.81
CA ILE A 289 6.10 -13.91 5.78
C ILE A 289 7.25 -14.43 6.62
N GLY A 290 7.14 -14.26 7.93
CA GLY A 290 8.19 -14.64 8.85
C GLY A 290 8.21 -16.11 9.19
N ALA A 291 9.15 -16.49 10.04
CA ALA A 291 9.45 -17.91 10.35
C ALA A 291 8.30 -18.64 11.04
N GLN A 292 7.48 -17.90 11.77
CA GLN A 292 6.28 -18.45 12.41
C GLN A 292 5.02 -17.89 11.77
N GLY A 293 5.13 -17.41 10.53
CA GLY A 293 3.96 -16.99 9.79
C GLY A 293 3.56 -15.55 10.00
N GLN A 294 4.31 -14.80 10.81
CA GLN A 294 3.95 -13.41 11.10
C GLN A 294 4.34 -12.52 9.94
N ARG A 295 3.47 -11.58 9.62
CA ARG A 295 3.73 -10.68 8.49
C ARG A 295 4.59 -9.51 8.93
N TYR A 296 5.52 -9.06 8.08
CA TYR A 296 6.36 -7.90 8.39
C TYR A 296 6.80 -7.29 7.08
N PHE A 297 7.46 -6.14 7.14
CA PHE A 297 7.95 -5.43 5.95
C PHE A 297 9.46 -5.41 5.87
N ARG A 298 9.97 -5.60 4.65
CA ARG A 298 11.38 -5.43 4.29
CA ARG A 298 11.38 -5.42 4.30
C ARG A 298 11.48 -4.19 3.42
N SER A 299 12.59 -3.46 3.50
CA SER A 299 12.77 -2.23 2.71
C SER A 299 13.99 -2.32 1.80
N PHE A 300 13.87 -1.57 0.71
CA PHE A 300 14.86 -1.49 -0.38
C PHE A 300 14.91 -0.06 -0.86
N THR A 301 16.02 0.35 -1.46
CA THR A 301 16.11 1.71 -2.02
C THR A 301 16.64 1.69 -3.45
N ALA A 302 16.36 2.76 -4.20
CA ALA A 302 16.85 2.93 -5.55
C ALA A 302 17.16 4.41 -5.73
N THR A 303 18.02 4.75 -6.67
CA THR A 303 18.22 6.17 -6.98
C THR A 303 17.41 6.61 -8.18
N SER A 304 16.84 5.66 -8.93
CA SER A 304 15.93 6.02 -10.02
CA SER A 304 15.98 5.98 -10.07
C SER A 304 14.88 4.94 -10.15
N LEU A 305 13.68 5.30 -10.55
CA LEU A 305 12.58 4.33 -10.56
C LEU A 305 12.77 3.23 -11.61
N ASP A 306 13.59 3.50 -12.62
CA ASP A 306 13.96 2.47 -13.61
C ASP A 306 15.29 1.79 -13.28
N GLY A 307 15.78 1.97 -12.06
CA GLY A 307 17.07 1.41 -11.71
C GLY A 307 16.95 0.23 -10.76
N GLU A 308 18.11 -0.25 -10.32
CA GLU A 308 18.16 -1.41 -9.43
C GLU A 308 17.87 -1.03 -7.98
N TRP A 309 17.41 -2.03 -7.24
CA TRP A 309 17.03 -1.90 -5.84
C TRP A 309 18.07 -2.52 -4.93
N THR A 310 18.39 -1.82 -3.85
CA THR A 310 19.37 -2.27 -2.88
C THR A 310 18.70 -2.58 -1.55
N PRO A 311 18.96 -3.78 -0.99
CA PRO A 311 18.43 -4.12 0.33
CA PRO A 311 18.36 -4.08 0.31
C PRO A 311 18.77 -3.04 1.34
N GLN A 312 17.76 -2.63 2.13
CA GLN A 312 17.97 -1.58 3.13
C GLN A 312 17.71 -2.11 4.55
N ALA A 313 16.60 -2.82 4.77
CA ALA A 313 16.39 -3.56 6.04
C ALA A 313 15.62 -4.81 5.67
N THR A 314 16.31 -5.93 5.58
CA THR A 314 15.74 -7.08 4.86
C THR A 314 15.83 -8.42 5.60
N SER A 315 15.52 -8.41 6.89
CA SER A 315 15.32 -9.67 7.61
C SER A 315 14.26 -9.48 8.69
N GLU A 316 13.72 -10.59 9.19
CA GLU A 316 12.66 -10.50 10.17
C GLU A 316 13.19 -9.92 11.49
N SER A 317 14.45 -10.22 11.82
CA SER A 317 15.01 -9.72 13.07
C SER A 317 15.44 -8.25 12.96
N ASN A 318 15.65 -7.77 11.73
CA ASN A 318 15.99 -6.36 11.48
C ASN A 318 15.17 -5.86 10.29
N PRO A 319 13.88 -5.69 10.51
CA PRO A 319 12.96 -5.41 9.41
C PRO A 319 12.75 -3.91 9.25
N PHE A 320 12.12 -3.53 8.16
CA PHE A 320 11.60 -2.18 8.10
C PHE A 320 10.58 -1.98 9.24
N ALA A 321 9.64 -2.90 9.34
CA ALA A 321 8.62 -2.83 10.41
C ALA A 321 8.09 -4.25 10.64
N GLY A 322 8.06 -4.70 11.87
CA GLY A 322 7.55 -6.03 12.19
C GLY A 322 7.44 -6.17 13.68
N LYS A 323 7.07 -7.35 14.15
CA LYS A 323 7.01 -7.59 15.59
C LYS A 323 8.32 -7.26 16.27
N ALA A 324 9.44 -7.41 15.58
CA ALA A 324 10.74 -7.12 16.21
C ALA A 324 10.90 -5.67 16.67
N ASN A 325 10.20 -4.72 16.04
CA ASN A 325 10.47 -3.31 16.30
C ASN A 325 9.25 -2.41 16.27
N SER A 326 8.04 -2.97 16.24
CA SER A 326 6.85 -2.15 16.06
C SER A 326 6.41 -1.40 17.32
N GLY A 327 6.71 -1.96 18.50
CA GLY A 327 6.13 -1.44 19.73
C GLY A 327 4.67 -1.81 19.90
N ALA A 328 4.15 -2.72 19.06
CA ALA A 328 2.74 -3.13 19.13
C ALA A 328 2.60 -4.48 19.80
N THR A 329 1.70 -4.59 20.77
CA THR A 329 1.30 -5.86 21.37
C THR A 329 -0.06 -6.35 20.89
N TRP A 330 -0.91 -5.44 20.40
CA TRP A 330 -2.25 -5.84 19.97
C TRP A 330 -2.22 -6.73 18.73
N THR A 331 -1.10 -6.73 18.02
CA THR A 331 -0.93 -7.52 16.82
C THR A 331 0.51 -7.98 16.77
N ASP A 332 0.76 -9.17 16.20
CA ASP A 332 2.09 -9.56 15.78
C ASP A 332 2.35 -9.12 14.32
N ASP A 333 1.37 -9.35 13.44
CA ASP A 333 1.45 -8.93 12.05
C ASP A 333 1.61 -7.44 11.94
N ILE A 334 2.50 -7.02 11.06
CA ILE A 334 2.51 -5.65 10.54
C ILE A 334 2.40 -5.85 9.04
N SER A 335 1.22 -5.56 8.49
CA SER A 335 0.88 -6.05 7.16
C SER A 335 0.25 -4.92 6.32
N HIS A 336 -0.05 -5.28 5.06
CA HIS A 336 -0.46 -4.39 3.96
C HIS A 336 -1.05 -3.07 4.37
N GLY A 337 -0.30 -2.01 4.06
CA GLY A 337 -0.74 -0.66 4.36
C GLY A 337 0.07 0.33 3.57
N GLU A 338 0.32 1.50 4.16
CA GLU A 338 0.91 2.58 3.39
C GLU A 338 1.57 3.56 4.34
N LEU A 339 2.61 4.25 3.87
CA LEU A 339 3.21 5.34 4.63
C LEU A 339 2.38 6.61 4.50
N ILE A 340 2.41 7.47 5.52
CA ILE A 340 1.77 8.77 5.41
C ILE A 340 2.61 9.63 4.46
N ARG A 341 1.95 10.34 3.55
CA ARG A 341 2.64 11.09 2.48
C ARG A 341 2.67 12.59 2.74
N THR A 342 3.56 13.29 2.06
CA THR A 342 3.60 14.75 2.13
C THR A 342 2.68 15.40 1.09
N THR A 343 2.09 14.60 0.21
CA THR A 343 1.32 15.08 -0.93
C THR A 343 0.35 13.97 -1.28
N ALA A 344 -0.78 14.33 -1.89
CA ALA A 344 -1.65 13.34 -2.49
C ALA A 344 -1.26 12.94 -3.90
N ASP A 345 -0.28 13.60 -4.51
CA ASP A 345 -0.17 13.42 -5.96
C ASP A 345 0.77 12.26 -6.36
N GLN A 346 0.94 12.09 -7.67
CA GLN A 346 1.59 10.88 -8.17
C GLN A 346 3.06 10.78 -7.77
N THR A 347 3.66 11.87 -7.28
CA THR A 347 5.08 11.77 -6.86
C THR A 347 5.25 10.90 -5.62
N MET A 348 4.17 10.61 -4.88
CA MET A 348 4.27 9.66 -3.78
CA MET A 348 4.25 9.66 -3.77
C MET A 348 5.41 9.98 -2.82
N THR A 349 5.50 11.23 -2.41
CA THR A 349 6.61 11.67 -1.58
C THR A 349 6.29 11.45 -0.10
N VAL A 350 7.31 11.01 0.65
CA VAL A 350 7.19 10.83 2.09
C VAL A 350 8.36 11.55 2.76
N ASP A 351 8.14 11.99 3.99
CA ASP A 351 9.13 12.71 4.77
C ASP A 351 9.95 11.73 5.61
N PRO A 352 11.23 11.50 5.27
CA PRO A 352 12.04 10.52 6.02
C PRO A 352 12.29 10.99 7.47
N CYS A 353 12.06 12.27 7.78
CA CYS A 353 12.16 12.75 9.15
C CYS A 353 10.93 12.44 9.97
N ASN A 354 9.85 12.00 9.33
CA ASN A 354 8.63 11.70 10.08
CA ASN A 354 8.60 11.74 10.03
C ASN A 354 7.88 10.54 9.45
N LEU A 355 8.56 9.41 9.37
CA LEU A 355 7.93 8.23 8.79
C LEU A 355 6.84 7.72 9.72
N GLN A 356 5.69 7.46 9.12
CA GLN A 356 4.57 6.85 9.83
C GLN A 356 3.93 5.84 8.91
N LEU A 357 3.64 4.65 9.43
CA LEU A 357 3.05 3.56 8.66
C LEU A 357 1.65 3.22 9.13
N LEU A 358 0.66 3.37 8.24
CA LEU A 358 -0.72 2.93 8.50
C LEU A 358 -0.80 1.50 8.01
N TYR A 359 -0.86 0.54 8.92
CA TYR A 359 -0.74 -0.89 8.57
C TYR A 359 -1.99 -1.61 9.00
N GLN A 360 -2.15 -2.84 8.53
CA GLN A 360 -3.18 -3.72 9.06
C GLN A 360 -2.56 -4.70 10.04
N GLY A 361 -3.24 -4.92 11.16
CA GLY A 361 -2.83 -5.88 12.17
C GLY A 361 -4.02 -6.70 12.62
N ARG A 362 -3.78 -7.74 13.40
CA ARG A 362 -4.86 -8.59 13.89
C ARG A 362 -4.47 -9.16 15.23
N ASP A 363 -5.45 -9.48 16.05
CA ASP A 363 -5.18 -10.07 17.34
C ASP A 363 -4.37 -11.36 17.20
N PRO A 364 -3.30 -11.54 18.02
CA PRO A 364 -2.50 -12.76 17.93
C PRO A 364 -3.29 -14.05 18.21
N GLY A 365 -4.43 -13.93 18.88
CA GLY A 365 -5.25 -15.10 19.14
C GLY A 365 -6.14 -15.45 17.97
N SER A 366 -6.17 -14.61 16.92
CA SER A 366 -7.06 -14.90 15.80
C SER A 366 -6.49 -16.02 14.92
N GLY A 367 -7.37 -16.69 14.20
CA GLY A 367 -6.95 -17.73 13.31
C GLY A 367 -8.08 -18.12 12.39
N GLY A 368 -7.99 -19.32 11.84
CA GLY A 368 -9.02 -19.74 10.91
C GLY A 368 -8.63 -19.29 9.52
N THR A 369 -9.61 -19.36 8.62
CA THR A 369 -9.32 -19.14 7.23
C THR A 369 -8.86 -17.70 6.99
N TYR A 370 -7.91 -17.57 6.09
CA TYR A 370 -7.28 -16.28 5.84
C TYR A 370 -8.28 -15.17 5.55
N ASP A 371 -9.28 -15.48 4.71
CA ASP A 371 -10.16 -14.43 4.24
C ASP A 371 -11.03 -13.82 5.34
N LEU A 372 -11.21 -14.54 6.43
CA LEU A 372 -12.05 -14.05 7.53
C LEU A 372 -11.21 -13.42 8.67
N LEU A 373 -9.90 -13.30 8.50
CA LEU A 373 -9.07 -12.80 9.61
C LEU A 373 -9.46 -11.38 9.99
N PRO A 374 -9.49 -11.08 11.29
CA PRO A 374 -10.00 -9.78 11.75
C PRO A 374 -8.94 -8.68 11.73
N TYR A 375 -8.57 -8.27 10.54
CA TYR A 375 -7.63 -7.16 10.39
C TYR A 375 -8.26 -5.79 10.71
N ARG A 376 -7.44 -4.91 11.27
CA ARG A 376 -7.80 -3.54 11.65
C ARG A 376 -6.64 -2.63 11.33
N PRO A 377 -6.88 -1.32 11.20
CA PRO A 377 -5.76 -0.38 11.03
C PRO A 377 -5.03 -0.06 12.33
N GLY A 378 -3.72 0.14 12.23
CA GLY A 378 -2.90 0.71 13.30
C GLY A 378 -1.90 1.67 12.67
N LEU A 379 -1.22 2.47 13.51
CA LEU A 379 -0.26 3.44 13.00
C LEU A 379 1.05 3.34 13.76
N LEU A 380 2.16 3.18 13.03
CA LEU A 380 3.49 3.26 13.60
C LEU A 380 4.09 4.63 13.38
N THR A 381 4.82 5.13 14.36
CA THR A 381 5.55 6.38 14.27
C THR A 381 7.03 6.10 14.53
N LEU A 382 7.88 6.50 13.59
CA LEU A 382 9.30 6.18 13.72
C LEU A 382 9.89 6.98 14.84
N GLN A 383 10.69 6.33 15.67
CA GLN A 383 11.42 7.04 16.71
C GLN A 383 12.66 7.76 16.17
N ARG A 384 12.87 8.98 16.63
CA ARG A 384 14.01 9.77 16.17
C ARG A 384 14.61 10.58 17.31
CA CA B . -1.37 -1.34 -1.52
O5 AHR C . -7.03 -8.26 1.10
C5 AHR C . -7.00 -8.92 -0.16
C4 AHR C . -5.70 -9.39 -0.49
O4 AHR C . -5.14 -10.27 0.61
C3 AHR C . -4.54 -8.35 -0.68
O3 AHR C . -4.51 -8.10 -2.16
C2 AHR C . -3.45 -8.96 -0.38
O2 AHR C . -2.25 -8.21 0.10
C1 AHR C . -3.87 -10.24 0.58
O1 AHR C . -3.30 -11.41 0.05
#